data_6O86
#
_entry.id   6O86
#
_cell.length_a   97.982
_cell.length_b   97.982
_cell.length_c   90.962
_cell.angle_alpha   90.00
_cell.angle_beta   90.00
_cell.angle_gamma   120.00
#
_symmetry.space_group_name_H-M   'P 31 2 1'
#
loop_
_entity.id
_entity.type
_entity.pdbx_description
1 polymer 'UDP-glycosyltransferase 76G1'
2 non-polymer "URIDINE-5'-DIPHOSPHATE"
3 water water
#
_entity_poly.entity_id   1
_entity_poly.type   'polypeptide(L)'
_entity_poly.pdbx_seq_one_letter_code
;MENKTETTVRRRRRIILFPVPFQGHINPILQLANVLYSKGFSITIFHTNFNKPKTSNYPHFTFRFILDNDPQDERISNLP
THGPLAGMRIPIINEHGADELRRELELLMLASEEDEEVSCLITDALWYFAQSVADSLNLRRLVLMTSSLFNFHAHVSLPQ
FDELGYLDPDDKTRLEEQASGFPMLKVKDIKSAYSNWQILKEILGKMIKQTKASSGVIWNSFKELEESELETVIREIPAP
SFLIPLPKHLTASSSSLLDHDRTVFQWLDQQPPSSVLYVSFGSTSEVDEKDFLEIARGLVDSKQSFLWVVRPGFVKGSTW
VEPLPDGFLGERGRIVKWVPQQEVLAHGAIGAFWTHSGWNSTLESVCEGVPMIFSDFGLDQPLNARYMSDVLKVGVYLEN
GWERGEIANAIRRVMVDEEGEYIRQNARVLKQKADVSLMKGGSSYESLESLVSYISSL
;
_entity_poly.pdbx_strand_id   A
#
loop_
_chem_comp.id
_chem_comp.type
_chem_comp.name
_chem_comp.formula
UDP RNA linking URIDINE-5'-DIPHOSPHATE 'C9 H14 N2 O12 P2'
#
# COMPACT_ATOMS: atom_id res chain seq x y z
N ARG A 12 -10.28 -25.02 -17.62
CA ARG A 12 -10.30 -24.16 -16.44
C ARG A 12 -8.88 -24.03 -15.87
N ARG A 13 -8.55 -22.83 -15.39
CA ARG A 13 -7.21 -22.52 -14.92
C ARG A 13 -7.28 -21.91 -13.53
N ARG A 14 -6.40 -22.38 -12.65
CA ARG A 14 -6.33 -21.93 -11.26
C ARG A 14 -5.09 -21.07 -11.06
N ILE A 15 -5.23 -20.02 -10.27
CA ILE A 15 -4.11 -19.20 -9.84
C ILE A 15 -4.01 -19.27 -8.32
N ILE A 16 -2.81 -19.52 -7.82
CA ILE A 16 -2.53 -19.49 -6.39
C ILE A 16 -1.88 -18.14 -6.08
N LEU A 17 -2.40 -17.45 -5.07
CA LEU A 17 -1.82 -16.18 -4.64
C LEU A 17 -1.42 -16.29 -3.18
N PHE A 18 -0.29 -15.66 -2.85
CA PHE A 18 0.35 -15.81 -1.54
C PHE A 18 0.74 -14.42 -1.06
N PRO A 19 -0.10 -13.78 -0.26
CA PRO A 19 0.18 -12.43 0.21
C PRO A 19 1.11 -12.41 1.42
N VAL A 20 1.70 -11.25 1.62
CA VAL A 20 2.33 -10.92 2.91
C VAL A 20 1.22 -10.54 3.89
N PRO A 21 1.23 -11.08 5.15
CA PRO A 21 0.09 -10.93 6.08
C PRO A 21 0.07 -9.61 6.82
N PHE A 22 -0.02 -8.51 6.07
CA PHE A 22 -0.27 -7.19 6.65
C PHE A 22 -1.24 -6.45 5.75
N GLN A 23 -1.98 -5.51 6.36
CA GLN A 23 -3.12 -4.90 5.69
C GLN A 23 -2.76 -4.32 4.33
N GLY A 24 -1.62 -3.64 4.23
CA GLY A 24 -1.24 -3.01 2.97
C GLY A 24 -0.73 -3.98 1.92
N HIS A 25 -0.58 -5.25 2.28
CA HIS A 25 -0.18 -6.30 1.35
C HIS A 25 -1.30 -7.25 1.03
N ILE A 26 -2.16 -7.54 2.02
CA ILE A 26 -3.33 -8.38 1.77
C ILE A 26 -4.32 -7.66 0.86
N ASN A 27 -4.47 -6.35 1.03
CA ASN A 27 -5.46 -5.62 0.25
C ASN A 27 -5.20 -5.71 -1.25
N PRO A 28 -4.03 -5.31 -1.77
CA PRO A 28 -3.85 -5.37 -3.23
C PRO A 28 -3.86 -6.79 -3.76
N ILE A 29 -3.36 -7.77 -3.00
CA ILE A 29 -3.32 -9.11 -3.60
C ILE A 29 -4.73 -9.70 -3.68
N LEU A 30 -5.63 -9.37 -2.72
CA LEU A 30 -6.99 -9.88 -2.86
C LEU A 30 -7.82 -9.05 -3.84
N GLN A 31 -7.48 -7.77 -4.05
CA GLN A 31 -8.07 -7.05 -5.18
C GLN A 31 -7.69 -7.71 -6.49
N LEU A 32 -6.39 -8.00 -6.67
CA LEU A 32 -5.93 -8.70 -7.86
C LEU A 32 -6.62 -10.05 -8.02
N ALA A 33 -6.70 -10.82 -6.94
CA ALA A 33 -7.39 -12.11 -7.00
C ALA A 33 -8.80 -11.97 -7.52
N ASN A 34 -9.54 -10.94 -7.05
CA ASN A 34 -10.89 -10.72 -7.52
C ASN A 34 -10.92 -10.32 -9.00
N VAL A 35 -9.99 -9.47 -9.42
CA VAL A 35 -9.91 -9.10 -10.84
C VAL A 35 -9.71 -10.34 -11.69
N LEU A 36 -8.76 -11.19 -11.30
CA LEU A 36 -8.47 -12.40 -12.06
C LEU A 36 -9.64 -13.38 -12.01
N TYR A 37 -10.29 -13.51 -10.85
CA TYR A 37 -11.52 -14.29 -10.77
C TYR A 37 -12.54 -13.79 -11.78
N SER A 38 -12.67 -12.46 -11.92
CA SER A 38 -13.63 -11.90 -12.86
C SER A 38 -13.31 -12.24 -14.30
N LYS A 39 -12.05 -12.59 -14.56
CA LYS A 39 -11.61 -12.96 -15.90
C LYS A 39 -11.63 -14.46 -16.13
N GLY A 40 -12.15 -15.23 -15.18
CA GLY A 40 -12.44 -16.64 -15.39
C GLY A 40 -11.49 -17.61 -14.71
N PHE A 41 -10.56 -17.13 -13.89
CA PHE A 41 -9.65 -18.00 -13.15
C PHE A 41 -10.29 -18.43 -11.84
N SER A 42 -10.04 -19.69 -11.47
CA SER A 42 -10.29 -20.09 -10.10
C SER A 42 -9.13 -19.62 -9.21
N ILE A 43 -9.40 -19.49 -7.91
CA ILE A 43 -8.52 -18.77 -7.01
C ILE A 43 -8.29 -19.58 -5.75
N THR A 44 -7.02 -19.85 -5.45
CA THR A 44 -6.60 -20.34 -4.15
C THR A 44 -5.70 -19.30 -3.49
N ILE A 45 -5.95 -19.02 -2.21
CA ILE A 45 -5.12 -18.12 -1.42
C ILE A 45 -4.35 -18.95 -0.40
N PHE A 46 -3.02 -18.91 -0.47
CA PHE A 46 -2.15 -19.41 0.59
C PHE A 46 -1.91 -18.26 1.58
N HIS A 47 -2.13 -18.52 2.88
CA HIS A 47 -2.04 -17.45 3.86
C HIS A 47 -1.57 -18.00 5.20
N THR A 48 -0.86 -17.18 5.96
CA THR A 48 -0.58 -17.51 7.34
C THR A 48 -1.84 -17.40 8.17
N ASN A 49 -1.87 -18.13 9.29
CA ASN A 49 -2.93 -17.91 10.26
C ASN A 49 -2.83 -16.51 10.84
N PHE A 50 -1.61 -16.03 11.07
CA PHE A 50 -1.38 -14.67 11.55
C PHE A 50 -2.02 -13.65 10.61
N ASN A 51 -2.76 -12.71 11.19
CA ASN A 51 -3.37 -11.59 10.44
C ASN A 51 -4.22 -12.09 9.27
N LYS A 52 -4.85 -13.24 9.43
CA LYS A 52 -5.66 -13.78 8.34
C LYS A 52 -6.88 -12.90 8.11
N PRO A 53 -7.31 -12.72 6.86
CA PRO A 53 -8.56 -12.03 6.58
C PRO A 53 -9.75 -12.95 6.87
N LYS A 54 -10.94 -12.41 6.70
CA LYS A 54 -12.17 -13.14 7.01
C LYS A 54 -12.52 -14.03 5.84
N THR A 55 -12.23 -15.34 5.95
CA THR A 55 -12.43 -16.20 4.79
C THR A 55 -13.90 -16.27 4.39
N SER A 56 -14.84 -16.04 5.31
CA SER A 56 -16.25 -16.04 4.97
C SER A 56 -16.65 -14.87 4.08
N ASN A 57 -15.79 -13.87 3.92
CA ASN A 57 -16.06 -12.81 2.94
C ASN A 57 -15.76 -13.24 1.52
N TYR A 58 -15.14 -14.41 1.33
CA TYR A 58 -14.64 -14.86 0.03
C TYR A 58 -15.13 -16.27 -0.28
N PRO A 59 -16.44 -16.48 -0.38
CA PRO A 59 -16.95 -17.83 -0.67
C PRO A 59 -16.47 -18.38 -1.99
N HIS A 60 -16.02 -17.51 -2.89
CA HIS A 60 -15.57 -17.89 -4.22
C HIS A 60 -14.07 -18.16 -4.29
N PHE A 61 -13.34 -18.00 -3.18
CA PHE A 61 -11.93 -18.35 -3.09
C PHE A 61 -11.75 -19.56 -2.18
N THR A 62 -10.74 -20.36 -2.47
CA THR A 62 -10.29 -21.42 -1.56
C THR A 62 -9.09 -20.89 -0.77
N PHE A 63 -9.16 -21.00 0.56
CA PHE A 63 -8.07 -20.60 1.43
C PHE A 63 -7.35 -21.84 1.98
N ARG A 64 -6.03 -21.76 2.01
CA ARG A 64 -5.20 -22.80 2.62
C ARG A 64 -4.20 -22.11 3.55
N PHE A 65 -4.25 -22.44 4.83
CA PHE A 65 -3.39 -21.79 5.82
C PHE A 65 -2.10 -22.59 6.00
N ILE A 66 -0.97 -21.88 5.98
CA ILE A 66 0.35 -22.49 5.90
C ILE A 66 1.35 -21.74 6.78
N LEU A 67 2.47 -22.42 7.06
CA LEU A 67 3.70 -21.81 7.57
C LEU A 67 3.69 -21.53 9.07
N ASP A 68 2.53 -21.21 9.65
CA ASP A 68 2.46 -21.01 11.10
C ASP A 68 1.33 -21.84 11.71
N ASN A 69 1.11 -23.04 11.16
CA ASN A 69 0.12 -23.94 11.72
C ASN A 69 0.62 -24.57 13.01
N ASP A 70 -0.32 -25.11 13.78
CA ASP A 70 -0.01 -25.88 14.98
C ASP A 70 0.74 -27.17 14.63
N PRO A 71 1.85 -27.43 15.33
CA PRO A 71 2.39 -26.54 16.36
C PRO A 71 3.36 -25.52 15.76
N GLN A 72 3.28 -24.28 16.24
CA GLN A 72 4.08 -23.22 15.66
C GLN A 72 5.57 -23.44 15.95
N ASP A 73 6.39 -22.86 15.07
CA ASP A 73 7.82 -23.03 15.14
C ASP A 73 8.42 -22.19 16.28
N GLU A 74 9.47 -22.73 16.90
CA GLU A 74 10.23 -21.94 17.86
C GLU A 74 10.70 -20.64 17.25
N ARG A 75 10.84 -20.61 15.92
CA ARG A 75 11.32 -19.41 15.23
C ARG A 75 10.23 -18.33 15.18
N ILE A 76 8.97 -18.74 15.01
CA ILE A 76 7.87 -17.78 14.94
C ILE A 76 6.92 -17.87 16.13
N SER A 77 6.95 -18.96 16.90
CA SER A 77 6.09 -19.05 18.07
C SER A 77 6.37 -17.90 19.03
N ASN A 78 5.30 -17.37 19.62
CA ASN A 78 5.39 -16.29 20.60
C ASN A 78 6.05 -15.04 20.03
N LEU A 79 6.15 -14.95 18.71
CA LEU A 79 6.48 -13.67 18.10
C LEU A 79 5.31 -12.71 18.28
N PRO A 80 5.58 -11.43 18.55
CA PRO A 80 4.47 -10.51 18.86
C PRO A 80 3.54 -10.34 17.67
N THR A 81 2.24 -10.43 17.94
CA THR A 81 1.23 -10.31 16.89
C THR A 81 0.98 -8.86 16.49
N HIS A 82 1.54 -7.89 17.20
CA HIS A 82 1.36 -6.48 16.87
C HIS A 82 2.66 -5.74 17.13
N GLY A 83 2.74 -4.53 16.57
CA GLY A 83 3.89 -3.68 16.78
C GLY A 83 4.93 -3.82 15.69
N PRO A 84 6.00 -3.02 15.79
CA PRO A 84 7.04 -3.05 14.76
C PRO A 84 7.78 -4.37 14.68
N LEU A 85 7.68 -5.24 15.68
CA LEU A 85 8.39 -6.51 15.68
C LEU A 85 7.61 -7.65 15.05
N ALA A 86 6.30 -7.48 14.85
CA ALA A 86 5.51 -8.54 14.20
C ALA A 86 6.04 -8.84 12.80
N GLY A 87 6.66 -7.86 12.16
CA GLY A 87 7.21 -8.05 10.82
C GLY A 87 8.39 -8.99 10.76
N MET A 88 8.95 -9.37 11.91
CA MET A 88 10.05 -10.34 11.89
C MET A 88 9.64 -11.64 11.22
N ARG A 89 8.34 -11.94 11.15
CA ARG A 89 7.89 -13.15 10.47
C ARG A 89 8.34 -13.20 9.02
N ILE A 90 8.53 -12.05 8.38
CA ILE A 90 8.83 -11.99 6.94
C ILE A 90 10.20 -12.60 6.65
N PRO A 91 11.30 -12.08 7.21
CA PRO A 91 12.59 -12.74 6.97
C PRO A 91 12.63 -14.16 7.45
N ILE A 92 11.90 -14.48 8.53
CA ILE A 92 11.94 -15.84 9.06
C ILE A 92 11.30 -16.82 8.09
N ILE A 93 10.16 -16.45 7.51
CA ILE A 93 9.50 -17.32 6.54
C ILE A 93 10.32 -17.43 5.26
N ASN A 94 10.91 -16.31 4.82
CA ASN A 94 11.80 -16.38 3.66
C ASN A 94 12.95 -17.35 3.89
N GLU A 95 13.51 -17.34 5.10
CA GLU A 95 14.69 -18.17 5.36
C GLU A 95 14.36 -19.63 5.60
N HIS A 96 13.14 -19.94 6.05
CA HIS A 96 12.84 -21.29 6.51
C HIS A 96 11.58 -21.92 5.95
N GLY A 97 10.79 -21.20 5.16
CA GLY A 97 9.53 -21.76 4.73
C GLY A 97 9.54 -22.50 3.41
N ALA A 98 10.69 -22.61 2.75
CA ALA A 98 10.71 -23.15 1.39
C ALA A 98 10.16 -24.57 1.34
N ASP A 99 10.62 -25.45 2.24
CA ASP A 99 10.19 -26.84 2.19
C ASP A 99 8.68 -26.97 2.37
N GLU A 100 8.10 -26.22 3.31
CA GLU A 100 6.66 -26.31 3.52
C GLU A 100 5.89 -25.74 2.34
N LEU A 101 6.36 -24.63 1.77
CA LEU A 101 5.65 -24.04 0.63
C LEU A 101 5.65 -25.00 -0.56
N ARG A 102 6.77 -25.68 -0.80
CA ARG A 102 6.82 -26.65 -1.90
C ARG A 102 5.86 -27.79 -1.65
N ARG A 103 5.81 -28.31 -0.42
CA ARG A 103 4.89 -29.38 -0.09
C ARG A 103 3.45 -28.97 -0.34
N GLU A 104 3.09 -27.74 0.06
CA GLU A 104 1.72 -27.29 -0.09
C GLU A 104 1.37 -27.07 -1.56
N LEU A 105 2.29 -26.54 -2.34
CA LEU A 105 2.04 -26.38 -3.77
C LEU A 105 1.87 -27.75 -4.44
N GLU A 106 2.73 -28.72 -4.08
CA GLU A 106 2.62 -30.05 -4.68
C GLU A 106 1.31 -30.72 -4.28
N LEU A 107 0.93 -30.62 -3.01
CA LEU A 107 -0.34 -31.19 -2.57
C LEU A 107 -1.50 -30.66 -3.42
N LEU A 108 -1.50 -29.36 -3.67
CA LEU A 108 -2.57 -28.75 -4.44
C LEU A 108 -2.49 -29.16 -5.91
N MET A 109 -1.28 -29.14 -6.48
CA MET A 109 -1.11 -29.58 -7.87
C MET A 109 -1.52 -31.04 -8.04
N LEU A 110 -1.34 -31.86 -7.00
CA LEU A 110 -1.76 -33.26 -7.06
C LEU A 110 -3.28 -33.40 -7.01
N ALA A 111 -3.92 -32.67 -6.10
CA ALA A 111 -5.36 -32.71 -5.94
C ALA A 111 -6.11 -32.08 -7.12
N SER A 112 -5.39 -31.52 -8.08
CA SER A 112 -6.03 -30.82 -9.19
C SER A 112 -6.98 -31.73 -9.96
N GLU A 113 -8.11 -31.17 -10.37
CA GLU A 113 -9.01 -31.88 -11.26
C GLU A 113 -8.34 -32.13 -12.61
N GLU A 114 -8.83 -33.15 -13.31
CA GLU A 114 -8.25 -33.50 -14.60
C GLU A 114 -8.35 -32.33 -15.58
N ASP A 115 -9.50 -31.66 -15.61
CA ASP A 115 -9.71 -30.52 -16.50
C ASP A 115 -9.19 -29.21 -15.93
N GLU A 116 -8.41 -29.25 -14.84
CA GLU A 116 -7.95 -28.05 -14.16
C GLU A 116 -6.43 -28.01 -14.16
N GLU A 117 -5.87 -26.89 -14.57
CA GLU A 117 -4.43 -26.64 -14.54
C GLU A 117 -4.14 -25.48 -13.59
N VAL A 118 -3.04 -25.57 -12.86
CA VAL A 118 -2.54 -24.45 -12.08
C VAL A 118 -1.65 -23.61 -13.00
N SER A 119 -2.11 -22.40 -13.33
CA SER A 119 -1.40 -21.60 -14.33
C SER A 119 -0.13 -20.99 -13.76
N CYS A 120 -0.21 -20.43 -12.55
CA CYS A 120 0.93 -19.74 -11.97
C CYS A 120 0.68 -19.51 -10.49
N LEU A 121 1.76 -19.15 -9.80
CA LEU A 121 1.73 -18.65 -8.44
C LEU A 121 2.03 -17.16 -8.48
N ILE A 122 1.21 -16.36 -7.80
CA ILE A 122 1.49 -14.94 -7.66
C ILE A 122 1.79 -14.67 -6.19
N THR A 123 2.98 -14.12 -5.90
CA THR A 123 3.33 -13.79 -4.53
C THR A 123 3.62 -12.30 -4.41
N ASP A 124 3.48 -11.81 -3.19
CA ASP A 124 4.11 -10.56 -2.82
C ASP A 124 5.58 -10.60 -3.20
N ALA A 125 6.09 -9.49 -3.73
CA ALA A 125 7.51 -9.43 -4.06
C ALA A 125 8.37 -9.73 -2.84
N LEU A 126 7.87 -9.46 -1.63
CA LEU A 126 8.67 -9.71 -0.42
C LEU A 126 8.94 -11.18 -0.19
N TRP A 127 8.13 -12.08 -0.75
CA TRP A 127 8.38 -13.52 -0.64
C TRP A 127 9.38 -13.95 -1.70
N TYR A 128 10.60 -13.45 -1.58
CA TYR A 128 11.61 -13.78 -2.58
C TYR A 128 11.95 -15.27 -2.56
N PHE A 129 11.77 -15.94 -1.41
CA PHE A 129 12.07 -17.36 -1.34
C PHE A 129 11.19 -18.20 -2.25
N ALA A 130 10.07 -17.65 -2.71
CA ALA A 130 9.12 -18.43 -3.48
C ALA A 130 9.59 -18.70 -4.91
N GLN A 131 10.57 -17.94 -5.41
CA GLN A 131 11.00 -18.14 -6.80
C GLN A 131 11.64 -19.51 -6.99
N SER A 132 12.62 -19.86 -6.15
CA SER A 132 13.27 -21.15 -6.35
C SER A 132 12.32 -22.29 -6.02
N VAL A 133 11.36 -22.08 -5.13
CA VAL A 133 10.33 -23.10 -4.89
C VAL A 133 9.52 -23.33 -6.16
N ALA A 134 9.01 -22.26 -6.76
CA ALA A 134 8.25 -22.40 -8.00
C ALA A 134 9.08 -23.05 -9.09
N ASP A 135 10.31 -22.54 -9.31
CA ASP A 135 11.22 -23.14 -10.28
C ASP A 135 11.30 -24.65 -10.12
N SER A 136 11.48 -25.10 -8.87
CA SER A 136 11.69 -26.52 -8.59
C SER A 136 10.46 -27.35 -8.92
N LEU A 137 9.30 -26.73 -9.10
CA LEU A 137 8.07 -27.41 -9.48
C LEU A 137 7.69 -27.19 -10.94
N ASN A 138 8.54 -26.51 -11.70
CA ASN A 138 8.20 -26.07 -13.06
C ASN A 138 6.88 -25.28 -13.06
N LEU A 139 6.74 -24.42 -12.06
CA LEU A 139 5.58 -23.57 -11.89
C LEU A 139 6.03 -22.12 -12.07
N ARG A 140 5.34 -21.38 -12.93
CA ARG A 140 5.71 -19.98 -13.13
C ARG A 140 5.27 -19.14 -11.94
N ARG A 141 6.12 -18.21 -11.55
CA ARG A 141 5.84 -17.29 -10.46
C ARG A 141 5.78 -15.88 -11.00
N LEU A 142 4.68 -15.19 -10.75
CA LEU A 142 4.59 -13.76 -10.95
C LEU A 142 4.61 -13.06 -9.61
N VAL A 143 5.03 -11.79 -9.62
CA VAL A 143 5.23 -11.00 -8.42
C VAL A 143 4.26 -9.82 -8.44
N LEU A 144 3.64 -9.54 -7.29
CA LEU A 144 2.88 -8.31 -7.12
C LEU A 144 3.73 -7.33 -6.32
N MET A 145 4.01 -6.17 -6.92
CA MET A 145 4.62 -5.08 -6.17
C MET A 145 3.51 -4.31 -5.46
N THR A 146 3.72 -4.04 -4.17
CA THR A 146 2.72 -3.27 -3.42
C THR A 146 3.13 -1.83 -3.23
N SER A 147 4.28 -1.44 -3.78
CA SER A 147 4.80 -0.09 -3.76
C SER A 147 4.97 0.39 -5.21
N SER A 148 5.36 1.66 -5.35
CA SER A 148 5.26 2.35 -6.63
C SER A 148 6.45 2.06 -7.54
N LEU A 149 6.28 2.40 -8.82
CA LEU A 149 7.41 2.35 -9.75
C LEU A 149 8.50 3.34 -9.35
N PHE A 150 8.10 4.53 -8.89
CA PHE A 150 9.08 5.53 -8.45
C PHE A 150 9.94 4.99 -7.32
N ASN A 151 9.31 4.31 -6.35
CA ASN A 151 10.06 3.71 -5.26
C ASN A 151 11.04 2.66 -5.76
N PHE A 152 10.63 1.86 -6.75
CA PHE A 152 11.54 0.89 -7.33
C PHE A 152 12.71 1.57 -8.02
N HIS A 153 12.43 2.67 -8.74
CA HIS A 153 13.49 3.44 -9.35
C HIS A 153 14.51 3.91 -8.31
N ALA A 154 14.02 4.32 -7.14
CA ALA A 154 14.93 4.68 -6.05
C ALA A 154 15.70 3.47 -5.55
N HIS A 155 15.03 2.31 -5.43
CA HIS A 155 15.71 1.09 -5.01
C HIS A 155 16.96 0.83 -5.85
N VAL A 156 16.79 0.76 -7.17
CA VAL A 156 17.91 0.40 -8.05
C VAL A 156 18.95 1.50 -8.15
N SER A 157 18.66 2.69 -7.62
CA SER A 157 19.65 3.76 -7.55
C SER A 157 20.42 3.78 -6.24
N LEU A 158 20.18 2.80 -5.36
CA LEU A 158 20.88 2.81 -4.07
C LEU A 158 22.39 2.82 -4.22
N PRO A 159 23.00 2.00 -5.07
CA PRO A 159 24.46 2.10 -5.25
C PRO A 159 24.95 3.51 -5.52
N GLN A 160 24.28 4.25 -6.42
CA GLN A 160 24.66 5.64 -6.66
C GLN A 160 24.45 6.49 -5.41
N PHE A 161 23.30 6.31 -4.74
CA PHE A 161 23.07 7.03 -3.49
C PHE A 161 24.17 6.74 -2.47
N ASP A 162 24.64 5.49 -2.41
CA ASP A 162 25.66 5.13 -1.45
C ASP A 162 27.00 5.78 -1.78
N GLU A 163 27.39 5.78 -3.06
CA GLU A 163 28.61 6.45 -3.46
C GLU A 163 28.62 7.90 -2.98
N LEU A 164 27.50 8.60 -3.16
CA LEU A 164 27.38 9.99 -2.73
C LEU A 164 27.30 10.16 -1.22
N GLY A 165 27.19 9.05 -0.47
CA GLY A 165 27.10 9.14 0.97
C GLY A 165 25.74 9.50 1.50
N TYR A 166 24.69 9.50 0.66
CA TYR A 166 23.35 9.79 1.14
C TYR A 166 22.93 8.81 2.23
N LEU A 167 23.28 7.53 2.09
CA LEU A 167 22.80 6.50 2.99
C LEU A 167 23.51 6.49 4.33
N ASP A 168 24.67 7.13 4.43
CA ASP A 168 25.43 7.16 5.67
C ASP A 168 25.05 8.41 6.46
N PRO A 169 24.39 8.29 7.61
CA PRO A 169 24.09 9.45 8.44
C PRO A 169 25.35 10.01 9.12
N ARG A 174 23.57 18.40 3.69
CA ARG A 174 22.82 19.03 2.61
C ARG A 174 21.43 18.40 2.47
N LEU A 175 20.59 18.59 3.49
CA LEU A 175 19.31 17.89 3.55
C LEU A 175 18.32 18.44 2.52
N GLU A 176 18.22 19.76 2.43
CA GLU A 176 17.26 20.40 1.53
C GLU A 176 17.72 20.40 0.08
N GLU A 177 18.78 19.67 -0.23
CA GLU A 177 19.43 19.73 -1.54
C GLU A 177 18.87 18.66 -2.47
N GLN A 178 18.78 18.99 -3.75
CA GLN A 178 18.27 18.02 -4.72
C GLN A 178 19.25 16.86 -4.88
N ALA A 179 18.71 15.65 -4.90
CA ALA A 179 19.54 14.46 -4.99
C ALA A 179 20.17 14.35 -6.38
N SER A 180 21.24 13.53 -6.44
CA SER A 180 22.09 13.49 -7.63
C SER A 180 21.31 13.12 -8.89
N GLY A 181 20.56 12.01 -8.84
CA GLY A 181 19.85 11.55 -10.01
C GLY A 181 18.35 11.73 -9.90
N PHE A 182 17.91 12.32 -8.80
CA PHE A 182 16.50 12.53 -8.53
C PHE A 182 16.28 14.01 -8.22
N PRO A 183 16.31 14.87 -9.24
CA PRO A 183 15.82 16.24 -9.03
C PRO A 183 14.46 16.24 -8.37
N MET A 184 13.69 15.17 -8.60
CA MET A 184 12.39 15.00 -7.94
C MET A 184 12.56 14.90 -6.43
N LEU A 185 13.68 14.38 -5.95
CA LEU A 185 13.88 14.12 -4.52
C LEU A 185 14.88 15.09 -3.90
N LYS A 186 14.73 15.31 -2.60
CA LYS A 186 15.74 15.95 -1.78
C LYS A 186 16.53 14.89 -1.04
N VAL A 187 17.79 15.20 -0.71
CA VAL A 187 18.61 14.28 0.06
C VAL A 187 17.89 13.87 1.33
N LYS A 188 17.17 14.80 1.93
CA LYS A 188 16.37 14.50 3.12
C LYS A 188 15.42 13.33 2.87
N ASP A 189 14.81 13.28 1.69
CA ASP A 189 13.87 12.20 1.37
C ASP A 189 14.58 10.84 1.39
N ILE A 190 15.77 10.77 0.78
CA ILE A 190 16.47 9.49 0.67
C ILE A 190 16.94 9.00 2.04
N LYS A 191 17.47 9.91 2.86
CA LYS A 191 17.88 9.53 4.22
C LYS A 191 16.72 8.94 5.00
N SER A 192 15.57 9.61 4.97
CA SER A 192 14.40 9.12 5.68
C SER A 192 13.93 7.78 5.09
N ALA A 193 13.98 7.65 3.77
CA ALA A 193 13.50 6.42 3.13
C ALA A 193 14.37 5.23 3.46
N TYR A 194 15.69 5.44 3.56
CA TYR A 194 16.63 4.36 3.83
C TYR A 194 17.32 4.55 5.18
N SER A 195 16.63 5.17 6.14
CA SER A 195 17.20 5.40 7.46
C SER A 195 17.75 4.12 8.06
N ASN A 196 16.93 3.07 8.10
CA ASN A 196 17.39 1.73 8.43
C ASN A 196 17.88 1.07 7.14
N TRP A 197 19.17 0.77 7.07
CA TRP A 197 19.59 0.13 5.83
C TRP A 197 20.54 -1.05 5.99
N GLN A 198 21.40 -1.10 7.01
CA GLN A 198 22.07 -2.36 7.27
C GLN A 198 21.07 -3.45 7.57
N ILE A 199 19.92 -3.07 8.13
CA ILE A 199 18.90 -4.03 8.52
C ILE A 199 18.07 -4.47 7.31
N LEU A 200 17.69 -3.53 6.45
CA LEU A 200 16.81 -3.83 5.33
C LEU A 200 17.56 -4.04 4.02
N LYS A 201 18.85 -3.70 3.96
CA LYS A 201 19.63 -3.90 2.75
C LYS A 201 19.52 -5.32 2.23
N GLU A 202 19.57 -6.30 3.13
CA GLU A 202 19.59 -7.69 2.70
C GLU A 202 18.24 -8.11 2.14
N ILE A 203 17.15 -7.77 2.83
CA ILE A 203 15.81 -8.02 2.29
C ILE A 203 15.67 -7.39 0.91
N LEU A 204 16.09 -6.12 0.80
CA LEU A 204 15.87 -5.36 -0.43
C LEU A 204 16.55 -6.01 -1.61
N GLY A 205 17.83 -6.36 -1.47
CA GLY A 205 18.55 -6.95 -2.58
C GLY A 205 17.94 -8.26 -3.05
N LYS A 206 17.52 -9.10 -2.11
CA LYS A 206 16.95 -10.39 -2.49
C LYS A 206 15.59 -10.22 -3.15
N MET A 207 14.74 -9.33 -2.62
CA MET A 207 13.47 -9.06 -3.28
C MET A 207 13.67 -8.60 -4.71
N ILE A 208 14.59 -7.65 -4.92
CA ILE A 208 14.84 -7.16 -6.27
C ILE A 208 15.33 -8.29 -7.15
N LYS A 209 16.30 -9.05 -6.66
CA LYS A 209 16.91 -10.11 -7.47
C LYS A 209 15.86 -11.14 -7.89
N GLN A 210 15.02 -11.57 -6.95
CA GLN A 210 14.03 -12.58 -7.30
C GLN A 210 12.84 -11.98 -8.03
N THR A 211 12.63 -10.67 -7.94
CA THR A 211 11.63 -10.03 -8.81
C THR A 211 12.12 -10.02 -10.26
N LYS A 212 13.38 -9.66 -10.47
CA LYS A 212 13.95 -9.69 -11.81
C LYS A 212 13.93 -11.09 -12.40
N ALA A 213 14.09 -12.12 -11.56
CA ALA A 213 14.12 -13.51 -12.01
C ALA A 213 12.74 -14.10 -12.23
N SER A 214 11.68 -13.36 -11.95
CA SER A 214 10.33 -13.90 -12.01
C SER A 214 9.83 -13.94 -13.45
N SER A 215 8.62 -14.47 -13.62
CA SER A 215 8.01 -14.57 -14.94
C SER A 215 7.12 -13.39 -15.27
N GLY A 216 7.01 -12.42 -14.38
CA GLY A 216 6.17 -11.25 -14.64
C GLY A 216 5.95 -10.45 -13.38
N VAL A 217 5.78 -9.13 -13.54
CA VAL A 217 5.64 -8.25 -12.40
C VAL A 217 4.38 -7.43 -12.59
N ILE A 218 3.49 -7.49 -11.60
CA ILE A 218 2.25 -6.74 -11.60
C ILE A 218 2.42 -5.57 -10.65
N TRP A 219 2.16 -4.36 -11.16
CA TRP A 219 2.32 -3.13 -10.41
C TRP A 219 0.95 -2.53 -10.14
N ASN A 220 0.71 -2.16 -8.88
CA ASN A 220 -0.51 -1.47 -8.47
C ASN A 220 -0.32 0.03 -8.76
N SER A 221 -0.60 0.41 -10.00
CA SER A 221 -0.30 1.76 -10.49
C SER A 221 -0.98 1.92 -11.85
N PHE A 222 -0.76 3.07 -12.50
CA PHE A 222 -1.14 3.19 -13.90
C PHE A 222 -0.15 4.09 -14.62
N LYS A 223 -0.05 3.88 -15.94
CA LYS A 223 0.98 4.55 -16.73
C LYS A 223 0.96 6.06 -16.53
N GLU A 224 -0.23 6.65 -16.55
CA GLU A 224 -0.35 8.10 -16.47
C GLU A 224 -0.03 8.64 -15.09
N LEU A 225 0.04 7.76 -14.08
CA LEU A 225 0.46 8.14 -12.74
C LEU A 225 1.98 8.25 -12.62
N GLU A 226 2.71 7.36 -13.30
CA GLU A 226 4.15 7.23 -13.09
C GLU A 226 4.89 7.12 -14.42
N GLU A 227 4.49 7.94 -15.39
CA GLU A 227 5.06 7.85 -16.74
C GLU A 227 6.58 7.95 -16.73
N SER A 228 7.13 8.80 -15.85
CA SER A 228 8.57 9.00 -15.76
C SER A 228 9.32 7.75 -15.35
N GLU A 229 8.63 6.76 -14.79
CA GLU A 229 9.28 5.62 -14.18
C GLU A 229 9.20 4.36 -15.03
N LEU A 230 8.52 4.41 -16.17
CA LEU A 230 8.29 3.20 -16.95
C LEU A 230 9.57 2.68 -17.57
N GLU A 231 10.42 3.57 -18.08
CA GLU A 231 11.62 3.09 -18.77
C GLU A 231 12.55 2.36 -17.80
N THR A 232 12.62 2.81 -16.54
CA THR A 232 13.45 2.12 -15.57
C THR A 232 12.98 0.68 -15.35
N VAL A 233 11.67 0.49 -15.27
CA VAL A 233 11.13 -0.85 -15.06
C VAL A 233 11.38 -1.73 -16.28
N ILE A 234 11.23 -1.17 -17.48
CA ILE A 234 11.47 -1.94 -18.69
C ILE A 234 12.94 -2.33 -18.81
N ARG A 235 13.83 -1.44 -18.37
CA ARG A 235 15.27 -1.67 -18.51
C ARG A 235 15.79 -2.63 -17.44
N GLU A 236 15.25 -2.54 -16.23
CA GLU A 236 15.81 -3.27 -15.10
C GLU A 236 15.19 -4.65 -14.91
N ILE A 237 13.94 -4.85 -15.31
CA ILE A 237 13.23 -6.10 -15.07
C ILE A 237 12.99 -6.77 -16.42
N PRO A 238 13.66 -7.89 -16.73
CA PRO A 238 13.47 -8.50 -18.05
C PRO A 238 12.10 -9.12 -18.23
N ALA A 239 11.45 -9.55 -17.16
CA ALA A 239 10.11 -10.09 -17.25
C ALA A 239 9.12 -8.99 -17.63
N PRO A 240 8.00 -9.35 -18.26
CA PRO A 240 6.99 -8.34 -18.61
C PRO A 240 6.38 -7.72 -17.36
N SER A 241 6.12 -6.42 -17.42
CA SER A 241 5.47 -5.69 -16.36
C SER A 241 4.07 -5.28 -16.80
N PHE A 242 3.15 -5.26 -15.83
CA PHE A 242 1.75 -4.91 -16.05
C PHE A 242 1.36 -3.90 -14.98
N LEU A 243 0.77 -2.78 -15.39
CA LEU A 243 0.32 -1.74 -14.45
C LEU A 243 -1.20 -1.72 -14.42
N ILE A 244 -1.77 -2.09 -13.27
CA ILE A 244 -3.22 -2.12 -13.07
C ILE A 244 -3.54 -1.36 -11.78
N PRO A 245 -4.33 -0.28 -11.83
CA PRO A 245 -4.69 0.42 -10.60
C PRO A 245 -5.84 -0.28 -9.90
N LEU A 246 -5.50 -1.12 -8.93
CA LEU A 246 -6.49 -2.01 -8.35
C LEU A 246 -7.66 -1.28 -7.69
N PRO A 247 -7.46 -0.14 -7.01
CA PRO A 247 -8.62 0.56 -6.42
C PRO A 247 -9.64 1.02 -7.45
N LYS A 248 -9.27 1.15 -8.72
CA LYS A 248 -10.26 1.52 -9.74
C LYS A 248 -11.13 0.35 -10.16
N HIS A 249 -10.71 -0.88 -9.88
CA HIS A 249 -11.52 -2.06 -10.12
C HIS A 249 -12.44 -2.35 -8.94
N LEU A 250 -11.93 -2.28 -7.72
CA LEU A 250 -12.78 -2.54 -6.56
C LEU A 250 -12.06 -2.07 -5.31
N THR A 251 -12.84 -1.77 -4.28
CA THR A 251 -12.26 -1.44 -2.99
C THR A 251 -11.79 -2.70 -2.28
N ALA A 252 -10.98 -2.50 -1.24
CA ALA A 252 -10.44 -3.59 -0.44
C ALA A 252 -11.28 -3.88 0.80
N SER A 253 -12.57 -3.50 0.80
CA SER A 253 -13.39 -3.61 2.00
C SER A 253 -13.41 -5.05 2.53
N SER A 254 -13.49 -6.04 1.64
CA SER A 254 -13.67 -7.40 2.09
C SER A 254 -12.42 -7.98 2.76
N SER A 255 -11.25 -7.38 2.57
CA SER A 255 -10.03 -7.91 3.18
C SER A 255 -9.62 -7.13 4.43
N SER A 256 -10.51 -6.30 4.96
CA SER A 256 -10.20 -5.55 6.19
C SER A 256 -9.91 -6.51 7.34
N LEU A 257 -8.83 -6.25 8.06
CA LEU A 257 -8.47 -7.04 9.24
C LEU A 257 -9.13 -6.54 10.51
N LEU A 258 -9.80 -5.40 10.47
CA LEU A 258 -10.48 -4.83 11.62
C LEU A 258 -11.94 -4.55 11.27
N ASP A 259 -12.78 -4.51 12.29
CA ASP A 259 -14.20 -4.20 12.09
C ASP A 259 -14.36 -2.75 11.66
N HIS A 260 -15.24 -2.54 10.68
CA HIS A 260 -15.54 -1.20 10.20
C HIS A 260 -16.48 -0.47 11.15
N ASP A 261 -16.20 0.81 11.37
CA ASP A 261 -17.17 1.73 11.96
C ASP A 261 -17.90 2.38 10.80
N ARG A 262 -19.09 1.88 10.48
CA ARG A 262 -19.88 2.47 9.40
C ARG A 262 -20.82 3.57 9.88
N THR A 263 -20.85 3.87 11.20
CA THR A 263 -21.60 5.02 11.67
C THR A 263 -21.07 6.33 11.11
N VAL A 264 -19.89 6.32 10.49
CA VAL A 264 -19.34 7.56 9.94
C VAL A 264 -20.16 8.05 8.75
N PHE A 265 -20.84 7.15 8.04
CA PHE A 265 -21.49 7.56 6.80
C PHE A 265 -22.75 8.37 7.07
N GLN A 266 -23.49 8.05 8.14
CA GLN A 266 -24.59 8.90 8.56
C GLN A 266 -24.10 10.29 8.92
N TRP A 267 -22.91 10.38 9.53
CA TRP A 267 -22.33 11.68 9.86
C TRP A 267 -21.86 12.40 8.60
N LEU A 268 -21.16 11.69 7.70
CA LEU A 268 -20.74 12.31 6.46
C LEU A 268 -21.91 12.88 5.68
N ASP A 269 -23.08 12.22 5.75
CA ASP A 269 -24.29 12.68 5.06
C ASP A 269 -24.85 13.99 5.64
N GLN A 270 -24.34 14.45 6.79
CA GLN A 270 -24.74 15.73 7.37
C GLN A 270 -23.77 16.85 7.04
N GLN A 271 -22.78 16.61 6.19
CA GLN A 271 -21.76 17.60 5.91
C GLN A 271 -21.93 18.16 4.50
N PRO A 272 -21.56 19.43 4.29
CA PRO A 272 -21.61 19.98 2.93
C PRO A 272 -20.56 19.33 2.04
N PRO A 273 -20.75 19.39 0.72
CA PRO A 273 -19.78 18.77 -0.19
C PRO A 273 -18.38 19.31 0.04
N SER A 274 -17.40 18.39 -0.03
CA SER A 274 -15.97 18.75 0.03
C SER A 274 -15.59 19.51 1.29
N SER A 275 -16.29 19.29 2.40
CA SER A 275 -16.06 20.08 3.60
C SER A 275 -15.30 19.33 4.68
N VAL A 276 -14.96 18.05 4.47
CA VAL A 276 -14.43 17.21 5.53
C VAL A 276 -13.02 16.77 5.19
N LEU A 277 -12.12 16.93 6.16
CA LEU A 277 -10.77 16.36 6.08
C LEU A 277 -10.80 14.95 6.65
N TYR A 278 -10.45 13.96 5.83
CA TYR A 278 -10.24 12.61 6.31
C TYR A 278 -8.78 12.45 6.72
N VAL A 279 -8.55 11.88 7.90
CA VAL A 279 -7.21 11.74 8.46
C VAL A 279 -6.99 10.29 8.86
N SER A 280 -5.91 9.70 8.37
CA SER A 280 -5.58 8.33 8.73
C SER A 280 -4.14 8.04 8.36
N PHE A 281 -3.42 7.39 9.27
CA PHE A 281 -2.01 7.08 9.04
C PHE A 281 -1.76 5.57 8.88
N GLY A 282 -2.70 4.85 8.31
CA GLY A 282 -2.46 3.49 7.85
C GLY A 282 -2.65 2.44 8.93
N SER A 283 -2.07 1.27 8.68
CA SER A 283 -2.35 0.08 9.48
C SER A 283 -1.26 -0.27 10.48
N THR A 284 -0.06 0.32 10.40
CA THR A 284 1.01 -0.03 11.32
C THR A 284 1.68 1.15 12.00
N SER A 285 1.42 2.39 11.58
CA SER A 285 2.12 3.54 12.14
C SER A 285 1.80 3.71 13.63
N GLU A 286 2.73 4.36 14.34
CA GLU A 286 2.61 4.67 15.76
C GLU A 286 3.30 6.00 16.01
N VAL A 287 2.80 6.73 17.00
CA VAL A 287 3.29 8.08 17.30
C VAL A 287 3.45 8.24 18.80
N ASP A 288 4.31 9.18 19.19
CA ASP A 288 4.43 9.52 20.60
C ASP A 288 3.12 10.10 21.11
N GLU A 289 3.00 10.15 22.44
CA GLU A 289 1.89 10.90 23.03
C GLU A 289 2.00 12.38 22.70
N LYS A 290 3.23 12.90 22.62
CA LYS A 290 3.43 14.32 22.34
C LYS A 290 2.98 14.68 20.94
N ASP A 291 3.41 13.92 19.94
CA ASP A 291 3.05 14.22 18.55
C ASP A 291 1.55 14.04 18.33
N PHE A 292 0.94 13.04 18.98
CA PHE A 292 -0.50 12.83 18.83
C PHE A 292 -1.28 14.06 19.27
N LEU A 293 -0.87 14.69 20.38
CA LEU A 293 -1.59 15.85 20.87
C LEU A 293 -1.40 17.06 19.95
N GLU A 294 -0.22 17.19 19.34
CA GLU A 294 0.01 18.31 18.43
C GLU A 294 -0.83 18.17 17.18
N ILE A 295 -0.98 16.94 16.68
CA ILE A 295 -1.85 16.72 15.52
C ILE A 295 -3.27 17.13 15.84
N ALA A 296 -3.77 16.75 17.02
CA ALA A 296 -5.14 17.11 17.40
C ALA A 296 -5.32 18.63 17.45
N ARG A 297 -4.32 19.35 17.95
CA ARG A 297 -4.43 20.80 18.01
C ARG A 297 -4.38 21.42 16.62
N GLY A 298 -3.57 20.86 15.72
CA GLY A 298 -3.56 21.34 14.34
C GLY A 298 -4.90 21.15 13.66
N LEU A 299 -5.55 20.01 13.89
CA LEU A 299 -6.86 19.75 13.30
C LEU A 299 -7.89 20.75 13.80
N VAL A 300 -7.97 20.94 15.12
CA VAL A 300 -8.87 21.92 15.70
C VAL A 300 -8.55 23.31 15.16
N ASP A 301 -7.26 23.66 15.12
CA ASP A 301 -6.85 24.99 14.66
C ASP A 301 -7.26 25.25 13.22
N SER A 302 -7.37 24.21 12.41
CA SER A 302 -7.72 24.41 11.00
C SER A 302 -9.13 24.94 10.82
N LYS A 303 -10.00 24.73 11.80
CA LYS A 303 -11.40 25.12 11.75
C LYS A 303 -12.19 24.30 10.75
N GLN A 304 -11.58 23.30 10.13
CA GLN A 304 -12.27 22.42 9.19
C GLN A 304 -12.86 21.22 9.92
N SER A 305 -13.96 20.71 9.39
CA SER A 305 -14.51 19.45 9.87
C SER A 305 -13.54 18.31 9.53
N PHE A 306 -13.46 17.32 10.42
CA PHE A 306 -12.53 16.24 10.15
C PHE A 306 -13.05 14.94 10.73
N LEU A 307 -12.68 13.86 10.03
CA LEU A 307 -12.94 12.48 10.47
C LEU A 307 -11.58 11.83 10.60
N TRP A 308 -11.21 11.47 11.82
CA TRP A 308 -9.86 11.04 12.16
C TRP A 308 -9.90 9.58 12.57
N VAL A 309 -9.29 8.72 11.75
CA VAL A 309 -9.09 7.32 12.13
C VAL A 309 -7.84 7.24 12.98
N VAL A 310 -8.01 6.80 14.23
CA VAL A 310 -6.89 6.52 15.12
C VAL A 310 -6.97 5.04 15.44
N ARG A 311 -6.11 4.26 14.81
CA ARG A 311 -6.09 2.83 15.03
C ARG A 311 -5.69 2.55 16.48
N PRO A 312 -6.43 1.70 17.20
CA PRO A 312 -5.99 1.33 18.55
C PRO A 312 -4.56 0.81 18.50
N GLY A 313 -3.67 1.42 19.26
CA GLY A 313 -2.26 1.15 19.15
C GLY A 313 -1.48 2.24 18.45
N PHE A 314 -2.16 3.17 17.77
CA PHE A 314 -1.47 4.26 17.09
C PHE A 314 -0.68 5.13 18.06
N VAL A 315 -1.21 5.34 19.26
CA VAL A 315 -0.58 6.20 20.26
C VAL A 315 0.22 5.33 21.21
N LYS A 316 1.54 5.49 21.21
CA LYS A 316 2.39 4.69 22.07
C LYS A 316 2.04 4.95 23.54
N GLY A 317 1.80 3.88 24.29
CA GLY A 317 1.52 3.96 25.71
C GLY A 317 0.06 4.09 26.08
N SER A 318 -0.85 4.10 25.10
CA SER A 318 -2.28 4.20 25.36
C SER A 318 -3.02 3.16 24.53
N THR A 319 -4.09 2.60 25.11
CA THR A 319 -4.86 1.59 24.40
C THR A 319 -5.49 2.15 23.13
N TRP A 320 -5.99 3.37 23.20
CA TRP A 320 -6.56 4.04 22.04
C TRP A 320 -6.24 5.53 22.09
N VAL A 321 -7.19 6.33 22.59
CA VAL A 321 -7.05 7.77 22.65
C VAL A 321 -7.38 8.27 24.05
N GLU A 322 -6.58 7.86 25.03
CA GLU A 322 -6.75 8.29 26.41
C GLU A 322 -6.24 9.72 26.63
N PRO A 323 -5.10 10.11 26.05
CA PRO A 323 -4.56 11.46 26.30
C PRO A 323 -5.46 12.61 25.88
N LEU A 324 -6.52 12.35 25.12
CA LEU A 324 -7.32 13.43 24.54
C LEU A 324 -8.39 13.89 25.51
N PRO A 325 -8.43 15.17 25.88
CA PRO A 325 -9.51 15.65 26.75
C PRO A 325 -10.88 15.35 26.16
N ASP A 326 -11.82 15.01 27.04
CA ASP A 326 -13.19 14.76 26.61
C ASP A 326 -13.77 16.00 25.93
N GLY A 327 -14.30 15.82 24.73
CA GLY A 327 -14.88 16.92 23.97
C GLY A 327 -13.88 17.83 23.29
N PHE A 328 -12.58 17.53 23.36
CA PHE A 328 -11.56 18.42 22.80
C PHE A 328 -11.76 18.63 21.31
N LEU A 329 -12.13 17.56 20.58
CA LEU A 329 -12.40 17.72 19.16
C LEU A 329 -13.60 18.63 18.93
N GLY A 330 -14.56 18.58 19.83
CA GLY A 330 -15.64 19.56 19.89
C GLY A 330 -16.71 19.27 18.84
N GLU A 331 -16.98 20.26 18.00
CA GLU A 331 -18.13 20.24 17.12
C GLU A 331 -17.80 19.68 15.74
N ARG A 332 -16.60 19.98 15.25
CA ARG A 332 -16.28 19.70 13.86
C ARG A 332 -15.61 18.34 13.64
N GLY A 333 -15.13 17.69 14.69
CA GLY A 333 -14.26 16.54 14.55
C GLY A 333 -14.85 15.26 15.13
N ARG A 334 -14.48 14.14 14.52
CA ARG A 334 -14.84 12.82 15.00
C ARG A 334 -13.61 11.93 14.94
N ILE A 335 -13.42 11.10 15.96
CA ILE A 335 -12.37 10.09 15.98
C ILE A 335 -13.02 8.72 16.03
N VAL A 336 -12.52 7.80 15.21
CA VAL A 336 -12.99 6.42 15.13
C VAL A 336 -11.78 5.50 14.99
N LYS A 337 -12.02 4.21 15.14
CA LYS A 337 -10.92 3.25 15.16
C LYS A 337 -10.56 2.73 13.78
N TRP A 338 -11.53 2.67 12.86
CA TRP A 338 -11.33 2.03 11.58
C TRP A 338 -12.57 2.22 10.72
N VAL A 339 -12.38 2.46 9.42
CA VAL A 339 -13.48 2.70 8.49
C VAL A 339 -13.25 1.92 7.19
N PRO A 340 -14.24 1.82 6.31
CA PRO A 340 -13.96 1.37 4.95
C PRO A 340 -13.36 2.54 4.20
N GLN A 341 -12.01 2.60 4.11
CA GLN A 341 -11.36 3.87 3.78
C GLN A 341 -11.71 4.35 2.38
N GLN A 342 -11.59 3.49 1.37
CA GLN A 342 -11.85 3.98 0.02
C GLN A 342 -13.30 4.43 -0.14
N GLU A 343 -14.23 3.76 0.57
CA GLU A 343 -15.62 4.17 0.51
C GLU A 343 -15.81 5.54 1.15
N VAL A 344 -15.07 5.83 2.22
CA VAL A 344 -15.12 7.17 2.80
C VAL A 344 -14.55 8.18 1.82
N LEU A 345 -13.39 7.89 1.23
CA LEU A 345 -12.78 8.81 0.27
C LEU A 345 -13.70 9.11 -0.91
N ALA A 346 -14.56 8.15 -1.28
CA ALA A 346 -15.52 8.37 -2.35
C ALA A 346 -16.73 9.20 -1.94
N HIS A 347 -16.94 9.41 -0.64
CA HIS A 347 -18.11 10.18 -0.20
C HIS A 347 -17.98 11.64 -0.59
N GLY A 348 -19.11 12.24 -0.98
CA GLY A 348 -19.12 13.61 -1.46
C GLY A 348 -18.66 14.64 -0.45
N ALA A 349 -18.75 14.32 0.84
CA ALA A 349 -18.35 15.27 1.87
C ALA A 349 -16.84 15.45 1.97
N ILE A 350 -16.04 14.51 1.47
CA ILE A 350 -14.60 14.56 1.70
C ILE A 350 -13.97 15.59 0.78
N GLY A 351 -13.19 16.49 1.36
CA GLY A 351 -12.52 17.53 0.60
C GLY A 351 -11.01 17.33 0.49
N ALA A 352 -10.44 16.54 1.41
CA ALA A 352 -9.01 16.28 1.41
C ALA A 352 -8.71 15.12 2.33
N PHE A 353 -7.50 14.58 2.19
CA PHE A 353 -7.06 13.37 2.90
C PHE A 353 -5.67 13.67 3.48
N TRP A 354 -5.56 13.70 4.81
CA TRP A 354 -4.26 13.79 5.46
C TRP A 354 -3.78 12.36 5.68
N THR A 355 -2.78 11.96 4.91
CA THR A 355 -2.32 10.59 4.82
C THR A 355 -0.89 10.48 5.31
N HIS A 356 -0.52 9.26 5.74
CA HIS A 356 0.88 8.94 6.01
C HIS A 356 1.64 8.57 4.75
N SER A 357 1.00 8.61 3.58
CA SER A 357 1.62 8.36 2.29
C SER A 357 1.92 6.89 2.05
N GLY A 358 1.27 5.96 2.75
CA GLY A 358 1.30 4.58 2.31
C GLY A 358 0.77 4.45 0.90
N TRP A 359 1.29 3.48 0.15
CA TRP A 359 0.98 3.45 -1.28
C TRP A 359 -0.49 3.12 -1.53
N ASN A 360 -1.08 2.17 -0.79
CA ASN A 360 -2.50 1.90 -1.03
C ASN A 360 -3.33 3.13 -0.75
N SER A 361 -3.09 3.81 0.38
CA SER A 361 -3.87 4.99 0.70
C SER A 361 -3.70 6.07 -0.35
N THR A 362 -2.46 6.26 -0.82
CA THR A 362 -2.19 7.29 -1.81
C THR A 362 -2.90 6.99 -3.13
N LEU A 363 -2.82 5.74 -3.58
CA LEU A 363 -3.48 5.36 -4.82
C LEU A 363 -5.00 5.41 -4.67
N GLU A 364 -5.53 4.99 -3.52
CA GLU A 364 -6.96 5.10 -3.30
C GLU A 364 -7.41 6.55 -3.44
N SER A 365 -6.70 7.46 -2.77
CA SER A 365 -7.06 8.87 -2.84
C SER A 365 -6.98 9.41 -4.27
N VAL A 366 -5.92 9.05 -4.99
CA VAL A 366 -5.81 9.43 -6.40
C VAL A 366 -7.01 8.91 -7.18
N CYS A 367 -7.37 7.65 -6.98
CA CYS A 367 -8.45 7.05 -7.74
C CYS A 367 -9.81 7.64 -7.38
N GLU A 368 -9.95 8.24 -6.20
CA GLU A 368 -11.20 8.91 -5.84
C GLU A 368 -11.11 10.42 -6.00
N GLY A 369 -9.99 10.93 -6.53
CA GLY A 369 -9.91 12.36 -6.84
C GLY A 369 -9.80 13.25 -5.63
N VAL A 370 -9.19 12.77 -4.56
CA VAL A 370 -9.11 13.51 -3.30
C VAL A 370 -7.68 14.05 -3.15
N PRO A 371 -7.49 15.37 -3.05
CA PRO A 371 -6.16 15.92 -2.81
C PRO A 371 -5.72 15.64 -1.37
N MET A 372 -4.43 15.74 -1.13
CA MET A 372 -3.85 15.19 0.08
C MET A 372 -2.97 16.19 0.83
N ILE A 373 -2.84 15.96 2.12
CA ILE A 373 -1.76 16.50 2.94
C ILE A 373 -0.92 15.30 3.37
N PHE A 374 0.40 15.40 3.26
CA PHE A 374 1.28 14.26 3.47
C PHE A 374 2.10 14.42 4.75
N SER A 375 2.05 13.38 5.60
CA SER A 375 3.09 13.06 6.55
C SER A 375 3.75 11.76 6.10
N ASP A 376 4.75 11.31 6.84
CA ASP A 376 5.40 10.06 6.45
C ASP A 376 6.04 9.42 7.68
N PHE A 377 6.20 8.10 7.60
CA PHE A 377 6.87 7.30 8.61
C PHE A 377 8.00 6.48 7.99
N GLY A 378 8.70 7.07 7.02
CA GLY A 378 9.86 6.42 6.43
C GLY A 378 9.51 5.41 5.36
N LEU A 379 10.53 4.65 4.97
CA LEU A 379 10.40 3.62 3.92
C LEU A 379 9.94 4.33 2.64
N ASP A 380 8.98 3.78 1.90
CA ASP A 380 8.58 4.43 0.66
C ASP A 380 7.75 5.70 0.90
N GLN A 381 7.28 5.92 2.12
CA GLN A 381 6.31 7.00 2.35
C GLN A 381 6.85 8.38 1.99
N PRO A 382 8.06 8.78 2.40
CA PRO A 382 8.56 10.10 1.96
C PRO A 382 8.68 10.23 0.45
N LEU A 383 9.01 9.14 -0.26
CA LEU A 383 9.10 9.21 -1.72
C LEU A 383 7.73 9.40 -2.36
N ASN A 384 6.72 8.68 -1.87
CA ASN A 384 5.36 8.91 -2.37
C ASN A 384 4.92 10.34 -2.14
N ALA A 385 5.21 10.87 -0.93
CA ALA A 385 4.81 12.22 -0.59
C ALA A 385 5.51 13.24 -1.50
N ARG A 386 6.80 13.07 -1.73
CA ARG A 386 7.52 13.98 -2.62
C ARG A 386 6.98 13.89 -4.05
N TYR A 387 6.75 12.68 -4.55
CA TYR A 387 6.30 12.52 -5.94
C TYR A 387 4.91 13.10 -6.12
N MET A 388 3.99 12.76 -5.20
CA MET A 388 2.63 13.29 -5.25
C MET A 388 2.62 14.81 -5.12
N SER A 389 3.46 15.38 -4.26
CA SER A 389 3.34 16.80 -3.98
C SER A 389 4.06 17.67 -5.00
N ASP A 390 5.18 17.20 -5.55
CA ASP A 390 5.98 18.04 -6.44
C ASP A 390 5.93 17.63 -7.90
N VAL A 391 5.65 16.36 -8.22
CA VAL A 391 5.57 15.94 -9.62
C VAL A 391 4.13 16.02 -10.09
N LEU A 392 3.25 15.24 -9.47
CA LEU A 392 1.84 15.29 -9.84
C LEU A 392 1.16 16.56 -9.32
N LYS A 393 1.59 17.05 -8.16
CA LYS A 393 1.05 18.26 -7.53
C LYS A 393 -0.42 18.09 -7.13
N VAL A 394 -0.70 17.00 -6.40
CA VAL A 394 -2.03 16.72 -5.89
C VAL A 394 -2.07 16.80 -4.36
N GLY A 395 -1.08 17.42 -3.74
CA GLY A 395 -1.11 17.55 -2.28
C GLY A 395 0.02 18.42 -1.77
N VAL A 396 0.02 18.61 -0.46
CA VAL A 396 1.00 19.42 0.25
C VAL A 396 1.71 18.55 1.28
N TYR A 397 3.03 18.62 1.30
CA TYR A 397 3.86 17.75 2.13
C TYR A 397 4.29 18.49 3.39
N LEU A 398 3.87 17.99 4.55
CA LEU A 398 4.35 18.43 5.85
C LEU A 398 5.63 17.66 6.15
N GLU A 399 6.76 18.19 5.66
CA GLU A 399 8.01 17.47 5.65
C GLU A 399 8.93 17.84 6.81
N ASN A 400 8.43 18.55 7.82
CA ASN A 400 9.25 19.00 8.94
C ASN A 400 8.56 18.72 10.26
N GLY A 401 8.02 17.51 10.40
CA GLY A 401 7.42 17.11 11.66
C GLY A 401 5.98 17.56 11.81
N TRP A 402 5.57 17.74 13.07
CA TRP A 402 4.20 18.10 13.41
C TRP A 402 4.20 19.38 14.24
N GLU A 403 3.62 20.44 13.69
CA GLU A 403 3.46 21.72 14.37
C GLU A 403 2.07 22.25 14.03
N ARG A 404 1.29 22.60 15.06
CA ARG A 404 -0.12 22.90 14.84
C ARG A 404 -0.31 24.04 13.84
N GLY A 405 0.56 25.04 13.86
CA GLY A 405 0.43 26.14 12.92
C GLY A 405 0.56 25.68 11.48
N GLU A 406 1.67 24.98 11.18
CA GLU A 406 1.87 24.51 9.81
C GLU A 406 0.80 23.52 9.39
N ILE A 407 0.34 22.69 10.32
CA ILE A 407 -0.73 21.73 10.03
C ILE A 407 -1.99 22.47 9.59
N ALA A 408 -2.41 23.46 10.38
CA ALA A 408 -3.63 24.19 10.05
C ALA A 408 -3.51 24.89 8.70
N ASN A 409 -2.33 25.43 8.39
CA ASN A 409 -2.14 26.13 7.12
C ASN A 409 -2.23 25.16 5.94
N ALA A 410 -1.65 23.97 6.09
CA ALA A 410 -1.67 23.00 5.00
C ALA A 410 -3.08 22.51 4.73
N ILE A 411 -3.84 22.24 5.79
CA ILE A 411 -5.23 21.81 5.63
C ILE A 411 -6.04 22.88 4.90
N ARG A 412 -5.90 24.13 5.32
CA ARG A 412 -6.68 25.19 4.70
C ARG A 412 -6.22 25.45 3.27
N ARG A 413 -4.93 25.31 2.99
CA ARG A 413 -4.45 25.54 1.63
C ARG A 413 -5.09 24.56 0.65
N VAL A 414 -5.16 23.28 1.03
CA VAL A 414 -5.71 22.27 0.13
C VAL A 414 -7.23 22.40 0.03
N MET A 415 -7.90 22.64 1.15
CA MET A 415 -9.35 22.52 1.21
C MET A 415 -10.10 23.82 0.91
N VAL A 416 -9.55 24.97 1.29
CA VAL A 416 -10.36 26.20 1.21
C VAL A 416 -9.67 27.32 0.45
N ASP A 417 -8.35 27.47 0.61
CA ASP A 417 -7.67 28.61 0.01
C ASP A 417 -7.86 28.64 -1.50
N GLU A 418 -8.03 29.85 -2.04
CA GLU A 418 -8.03 30.00 -3.50
C GLU A 418 -6.69 29.59 -4.09
N GLU A 419 -5.60 29.80 -3.34
CA GLU A 419 -4.27 29.45 -3.80
C GLU A 419 -4.10 27.94 -4.00
N GLY A 420 -4.96 27.13 -3.39
CA GLY A 420 -4.92 25.70 -3.56
C GLY A 420 -5.83 25.15 -4.62
N GLU A 421 -6.52 26.01 -5.38
CA GLU A 421 -7.45 25.49 -6.38
C GLU A 421 -6.74 24.57 -7.37
N TYR A 422 -5.50 24.90 -7.74
CA TYR A 422 -4.81 24.08 -8.75
C TYR A 422 -4.55 22.68 -8.23
N ILE A 423 -4.37 22.53 -6.91
CA ILE A 423 -4.16 21.21 -6.32
C ILE A 423 -5.46 20.41 -6.34
N ARG A 424 -6.56 21.05 -5.97
CA ARG A 424 -7.87 20.38 -6.06
C ARG A 424 -8.19 19.98 -7.49
N GLN A 425 -7.88 20.86 -8.46
CA GLN A 425 -8.15 20.54 -9.85
C GLN A 425 -7.24 19.42 -10.34
N ASN A 426 -5.97 19.43 -9.93
CA ASN A 426 -5.08 18.35 -10.33
C ASN A 426 -5.59 16.99 -9.85
N ALA A 427 -6.12 16.95 -8.63
CA ALA A 427 -6.64 15.69 -8.10
C ALA A 427 -7.85 15.22 -8.91
N ARG A 428 -8.72 16.15 -9.31
CA ARG A 428 -9.87 15.77 -10.13
C ARG A 428 -9.41 15.22 -11.48
N VAL A 429 -8.46 15.88 -12.12
CA VAL A 429 -8.00 15.45 -13.43
C VAL A 429 -7.28 14.10 -13.34
N LEU A 430 -6.51 13.88 -12.26
CA LEU A 430 -5.78 12.62 -12.14
C LEU A 430 -6.74 11.45 -11.98
N LYS A 431 -7.84 11.64 -11.22
CA LYS A 431 -8.87 10.61 -11.15
C LYS A 431 -9.44 10.32 -12.54
N GLN A 432 -9.68 11.36 -13.33
CA GLN A 432 -10.21 11.18 -14.67
C GLN A 432 -9.23 10.39 -15.53
N LYS A 433 -7.93 10.65 -15.40
CA LYS A 433 -6.94 9.87 -16.12
C LYS A 433 -6.99 8.40 -15.71
N ALA A 434 -7.15 8.13 -14.41
CA ALA A 434 -7.28 6.74 -13.99
C ALA A 434 -8.50 6.08 -14.61
N ASP A 435 -9.63 6.80 -14.63
CA ASP A 435 -10.83 6.27 -15.25
C ASP A 435 -10.62 6.00 -16.72
N VAL A 436 -10.05 6.96 -17.46
CA VAL A 436 -9.80 6.76 -18.88
C VAL A 436 -8.87 5.57 -19.10
N SER A 437 -7.94 5.34 -18.18
CA SER A 437 -6.98 4.25 -18.37
C SER A 437 -7.65 2.89 -18.34
N LEU A 438 -8.85 2.78 -17.75
CA LEU A 438 -9.57 1.51 -17.70
C LEU A 438 -10.48 1.28 -18.91
N MET A 439 -10.69 2.30 -19.74
CA MET A 439 -11.52 2.18 -20.94
C MET A 439 -10.75 1.46 -22.03
N LYS A 440 -11.48 0.87 -22.97
CA LYS A 440 -10.85 0.24 -24.12
C LYS A 440 -9.84 1.21 -24.73
N GLY A 441 -8.68 0.69 -25.10
CA GLY A 441 -7.60 1.53 -25.57
C GLY A 441 -6.80 2.22 -24.50
N GLY A 442 -7.26 2.20 -23.24
CA GLY A 442 -6.49 2.79 -22.16
C GLY A 442 -5.35 1.88 -21.71
N SER A 443 -4.39 2.51 -21.03
CA SER A 443 -3.17 1.80 -20.65
C SER A 443 -3.46 0.63 -19.71
N SER A 444 -4.31 0.85 -18.71
CA SER A 444 -4.60 -0.19 -17.73
C SER A 444 -5.46 -1.29 -18.33
N TYR A 445 -6.42 -0.92 -19.18
CA TYR A 445 -7.19 -1.91 -19.91
C TYR A 445 -6.27 -2.84 -20.68
N GLU A 446 -5.31 -2.28 -21.42
CA GLU A 446 -4.45 -3.12 -22.25
C GLU A 446 -3.49 -3.93 -21.40
N SER A 447 -3.03 -3.39 -20.26
CA SER A 447 -2.20 -4.17 -19.34
C SER A 447 -2.95 -5.39 -18.82
N LEU A 448 -4.20 -5.20 -18.41
CA LEU A 448 -4.95 -6.33 -17.86
C LEU A 448 -5.24 -7.36 -18.95
N GLU A 449 -5.64 -6.89 -20.14
CA GLU A 449 -5.84 -7.80 -21.26
C GLU A 449 -4.57 -8.61 -21.53
N SER A 450 -3.42 -7.92 -21.53
CA SER A 450 -2.15 -8.61 -21.76
C SER A 450 -1.82 -9.58 -20.63
N LEU A 451 -2.11 -9.19 -19.39
CA LEU A 451 -1.84 -10.06 -18.25
C LEU A 451 -2.66 -11.35 -18.35
N VAL A 452 -3.94 -11.23 -18.66
CA VAL A 452 -4.81 -12.41 -18.74
C VAL A 452 -4.33 -13.36 -19.84
N SER A 453 -4.02 -12.81 -21.01
CA SER A 453 -3.58 -13.68 -22.09
C SER A 453 -2.22 -14.28 -21.79
N TYR A 454 -1.35 -13.54 -21.10
CA TYR A 454 -0.04 -14.06 -20.73
C TYR A 454 -0.19 -15.23 -19.76
N ILE A 455 -0.97 -15.04 -18.69
CA ILE A 455 -1.17 -16.12 -17.73
C ILE A 455 -1.81 -17.33 -18.40
N SER A 456 -2.75 -17.08 -19.31
CA SER A 456 -3.40 -18.19 -20.01
C SER A 456 -2.44 -18.95 -20.92
N SER A 457 -1.34 -18.32 -21.34
CA SER A 457 -0.35 -19.00 -22.17
C SER A 457 0.62 -19.85 -21.35
N LEU A 458 0.62 -19.72 -20.04
CA LEU A 458 1.52 -20.48 -19.19
C LEU A 458 0.97 -21.88 -18.96
N1 UDP B . -7.54 1.25 5.70
C2 UDP B . -8.87 0.97 5.93
N3 UDP B . -9.53 1.59 6.96
C4 UDP B . -8.87 2.50 7.76
C5 UDP B . -7.53 2.79 7.53
C6 UDP B . -6.89 2.19 6.45
O2 UDP B . -9.47 0.17 5.22
O4 UDP B . -9.48 3.05 8.67
C1' UDP B . -6.85 0.58 4.60
C2' UDP B . -6.53 1.54 3.47
O2' UDP B . -7.66 1.79 2.66
C3' UDP B . -5.37 0.84 2.80
C4' UDP B . -4.70 0.07 3.94
O4' UDP B . -5.60 0.07 5.03
O3' UDP B . -5.80 -0.04 1.78
C5' UDP B . -3.40 0.74 4.40
O5' UDP B . -2.39 0.52 3.44
PA UDP B . -1.27 1.64 3.15
O1A UDP B . -1.91 2.95 2.89
O2A UDP B . -0.46 1.17 2.02
O3A UDP B . -0.44 1.88 4.50
PB UDP B . 0.21 0.78 5.50
O1B UDP B . -0.81 0.30 6.44
O2B UDP B . 1.26 1.52 6.24
O3B UDP B . 0.77 -0.34 4.70
HN3 UDP B . -10.52 1.38 7.13
H5 UDP B . -7.05 3.60 8.07
H6 UDP B . -5.83 2.40 6.26
H1' UDP B . -7.46 -0.23 4.21
H2' UDP B . -6.17 2.48 3.90
HO2' UDP B . -7.50 1.45 1.76
H3' UDP B . -4.68 1.58 2.40
H4' UDP B . -4.48 -0.94 3.62
HO3' UDP B . -5.57 -0.95 2.02
H5'1 UDP B . -3.56 1.81 4.54
H5'2 UDP B . -3.10 0.32 5.36
#